data_7QWJ
#
_entry.id   7QWJ
#
_cell.length_a   38.284
_cell.length_b   83.294
_cell.length_c   96.532
_cell.angle_alpha   90.000
_cell.angle_beta   90.000
_cell.angle_gamma   90.000
#
_symmetry.space_group_name_H-M   'P 21 21 21'
#
loop_
_entity.id
_entity.type
_entity.pdbx_description
1 polymer 'Serine/threonine-protein phosphatase PP1-2'
2 non-polymer 'MANGANESE (II) ION'
3 non-polymer 'PHOSPHATE ION'
4 water water
#
_entity_poly.entity_id   1
_entity_poly.type   'polypeptide(L)'
_entity_poly.pdbx_seq_one_letter_code
;SDSQPVDVDNIIDRLLEVRGSKPGQQVDLEENEIRYLCSKARSIFIKQPILLELEAPIKICGDIHGQYYDLLRLFEYGGF
PPESNYLFLGDYVDRGKQSLETICLLLAYKIKYPENFFILRGNHECASINRIYGFYDECKRRYNIKLWKTFTDCFNCLPI
AAIIDEKIFCMHGGLSPDLNSMEQIRRVMRPTDIPDVGLLCDLLWSDPDKDIVGWSENDRGVSFTFGPDVVNRFLQKQDM
ELICRAHQVVEDGYEFFSKRQLVTLFSAPNYCGEFDNAGAMMSVDESLLCSFQILKPAQKSLPRQAGGRKKKA
;
_entity_poly.pdbx_strand_id   A
#
# COMPACT_ATOMS: atom_id res chain seq x y z
N SER A 1 -7.14 11.07 -34.77
CA SER A 1 -7.14 12.56 -34.78
C SER A 1 -7.96 13.19 -33.73
N ASP A 2 -9.17 12.69 -33.63
CA ASP A 2 -9.93 12.86 -32.42
C ASP A 2 -9.42 11.91 -31.33
N SER A 3 -9.01 10.70 -31.70
CA SER A 3 -8.48 9.74 -30.75
C SER A 3 -6.96 9.87 -30.62
N GLN A 4 -6.47 9.62 -29.41
CA GLN A 4 -5.04 9.67 -29.15
C GLN A 4 -4.65 8.53 -28.23
N PRO A 5 -3.44 8.00 -28.36
CA PRO A 5 -2.93 7.10 -27.34
C PRO A 5 -2.76 7.84 -26.03
N VAL A 6 -3.05 7.16 -24.93
CA VAL A 6 -2.93 7.80 -23.62
C VAL A 6 -1.46 8.02 -23.29
N ASP A 7 -1.13 9.22 -22.85
CA ASP A 7 0.24 9.60 -22.47
C ASP A 7 0.38 9.62 -20.95
N VAL A 8 1.25 8.75 -20.42
CA VAL A 8 1.41 8.68 -18.96
C VAL A 8 2.09 9.93 -18.42
N ASP A 9 3.10 10.44 -19.13
CA ASP A 9 3.77 11.68 -18.72
C ASP A 9 2.78 12.85 -18.66
N ASN A 10 1.83 12.88 -19.59
CA ASN A 10 0.83 13.93 -19.57
C ASN A 10 -0.08 13.80 -18.36
N ILE A 11 -0.45 12.56 -18.00
CA ILE A 11 -1.38 12.35 -16.88
C ILE A 11 -0.70 12.69 -15.56
N ILE A 12 0.58 12.32 -15.41
CA ILE A 12 1.35 12.68 -14.22
C ILE A 12 1.40 14.20 -14.06
N ASP A 13 1.50 14.94 -15.17
CA ASP A 13 1.52 16.40 -15.10
C ASP A 13 0.21 16.95 -14.56
N ARG A 14 -0.92 16.51 -15.12
CA ARG A 14 -2.20 17.00 -14.61
C ARG A 14 -2.44 16.58 -13.17
N LEU A 15 -1.94 15.40 -12.78
CA LEU A 15 -2.07 14.97 -11.37
C LEU A 15 -1.24 15.84 -10.46
N LEU A 16 -0.01 16.19 -10.87
CA LEU A 16 0.84 17.04 -10.03
C LEU A 16 0.52 18.52 -10.16
N GLU A 17 -0.36 18.92 -11.07
CA GLU A 17 -0.64 20.34 -11.28
C GLU A 17 -1.31 20.98 -10.06
N VAL A 18 -2.08 20.20 -9.30
CA VAL A 18 -2.84 20.75 -8.18
C VAL A 18 -1.97 20.83 -6.93
N ARG A 19 -0.66 20.60 -7.07
CA ARG A 19 0.22 20.63 -5.90
C ARG A 19 0.08 21.95 -5.16
N GLY A 20 0.05 23.05 -5.90
CA GLY A 20 -0.23 24.32 -5.29
C GLY A 20 -1.72 24.60 -5.28
N SER A 21 -2.44 23.95 -4.37
CA SER A 21 -3.87 24.16 -4.21
C SER A 21 -4.28 23.59 -2.86
N LYS A 22 -5.60 23.83 -2.50
CA LYS A 22 -6.30 23.41 -1.28
C LYS A 22 -6.73 21.96 -1.42
N PRO A 23 -6.72 21.23 -0.30
CA PRO A 23 -7.19 19.83 -0.30
C PRO A 23 -8.68 19.76 -0.61
N GLY A 24 -9.02 19.10 -1.70
CA GLY A 24 -10.39 18.98 -2.15
C GLY A 24 -10.46 19.15 -3.65
N GLN A 25 -9.52 19.93 -4.18
CA GLN A 25 -9.44 20.23 -5.60
C GLN A 25 -9.20 18.96 -6.39
N GLN A 26 -10.13 18.63 -7.29
CA GLN A 26 -10.08 17.38 -8.02
C GLN A 26 -9.18 17.51 -9.26
N VAL A 27 -9.02 16.39 -9.97
CA VAL A 27 -8.23 16.31 -11.19
C VAL A 27 -9.07 15.55 -12.22
N ASP A 28 -9.45 16.23 -13.30
CA ASP A 28 -10.30 15.63 -14.33
C ASP A 28 -9.45 14.68 -15.15
N LEU A 29 -9.48 13.40 -14.81
CA LEU A 29 -8.93 12.41 -15.72
C LEU A 29 -10.06 11.84 -16.57
N GLU A 30 -9.74 11.58 -17.83
CA GLU A 30 -10.72 10.98 -18.73
C GLU A 30 -10.83 9.47 -18.47
N GLU A 31 -12.05 8.99 -18.61
CA GLU A 31 -12.38 7.61 -18.27
C GLU A 31 -11.51 6.60 -19.04
N ASN A 32 -11.11 6.92 -20.28
CA ASN A 32 -10.20 6.02 -20.99
C ASN A 32 -8.76 6.14 -20.48
N GLU A 33 -8.41 7.29 -19.92
CA GLU A 33 -7.11 7.43 -19.27
C GLU A 33 -7.01 6.51 -18.06
N ILE A 34 -8.08 6.44 -17.27
CA ILE A 34 -8.06 5.59 -16.10
C ILE A 34 -8.05 4.12 -16.50
N ARG A 35 -8.82 3.74 -17.53
CA ARG A 35 -8.75 2.35 -17.98
C ARG A 35 -7.37 2.02 -18.50
N TYR A 36 -6.71 2.96 -19.16
CA TYR A 36 -5.31 2.74 -19.57
C TYR A 36 -4.43 2.51 -18.34
N LEU A 37 -4.59 3.35 -17.31
CA LEU A 37 -3.81 3.20 -16.08
C LEU A 37 -4.00 1.81 -15.50
N CYS A 38 -5.25 1.39 -15.36
CA CYS A 38 -5.57 0.08 -14.79
C CYS A 38 -5.03 -1.05 -15.65
N SER A 39 -5.25 -0.97 -16.96
CA SER A 39 -4.87 -2.09 -17.83
C SER A 39 -3.35 -2.17 -18.00
N LYS A 40 -2.68 -1.01 -18.12
CA LYS A 40 -1.23 -1.04 -18.30
C LYS A 40 -0.53 -1.49 -17.02
N ALA A 41 -0.96 -0.96 -15.86
CA ALA A 41 -0.39 -1.40 -14.59
C ALA A 41 -0.71 -2.86 -14.28
N ARG A 42 -1.97 -3.28 -14.50
CA ARG A 42 -2.35 -4.68 -14.37
C ARG A 42 -1.37 -5.59 -15.09
N SER A 43 -1.03 -5.23 -16.33
CA SER A 43 -0.08 -6.04 -17.09
C SER A 43 1.27 -6.06 -16.40
N ILE A 44 1.70 -4.93 -15.86
CA ILE A 44 2.99 -4.89 -15.16
C ILE A 44 2.92 -5.74 -13.89
N PHE A 45 1.85 -5.57 -13.11
CA PHE A 45 1.67 -6.36 -11.90
C PHE A 45 1.77 -7.86 -12.20
N ILE A 46 1.17 -8.29 -13.31
CA ILE A 46 1.14 -9.72 -13.62
C ILE A 46 2.50 -10.21 -14.08
N LYS A 47 3.24 -9.37 -14.81
CA LYS A 47 4.58 -9.78 -15.21
C LYS A 47 5.49 -9.90 -14.01
N GLN A 48 5.45 -8.90 -13.12
CA GLN A 48 6.35 -8.89 -11.98
C GLN A 48 5.89 -9.93 -10.98
N PRO A 49 6.79 -10.44 -10.14
CA PRO A 49 6.40 -11.51 -9.22
C PRO A 49 5.44 -11.00 -8.15
N ILE A 50 4.65 -11.95 -7.60
CA ILE A 50 3.71 -11.59 -6.55
C ILE A 50 4.43 -11.33 -5.24
N LEU A 51 5.61 -11.90 -5.05
CA LEU A 51 6.49 -11.58 -3.94
C LEU A 51 7.65 -10.78 -4.54
N LEU A 52 7.65 -9.46 -4.31
CA LEU A 52 8.67 -8.62 -4.92
C LEU A 52 10.02 -8.82 -4.22
N GLU A 53 11.10 -8.81 -5.02
CA GLU A 53 12.48 -8.79 -4.52
C GLU A 53 13.05 -7.42 -4.82
N LEU A 54 13.22 -6.59 -3.80
CA LEU A 54 13.58 -5.20 -4.00
C LEU A 54 14.95 -4.90 -3.42
N GLU A 55 15.52 -3.79 -3.86
CA GLU A 55 16.86 -3.39 -3.45
C GLU A 55 16.80 -2.01 -2.83
N ALA A 56 17.55 -1.81 -1.75
CA ALA A 56 17.73 -0.49 -1.17
C ALA A 56 18.71 0.31 -2.02
N PRO A 57 18.70 1.65 -1.91
CA PRO A 57 17.85 2.50 -1.05
C PRO A 57 16.40 2.54 -1.51
N ILE A 58 15.45 2.75 -0.60
CA ILE A 58 14.04 2.80 -0.99
C ILE A 58 13.28 3.49 0.14
N LYS A 59 12.30 4.32 -0.24
CA LYS A 59 11.36 4.93 0.70
C LYS A 59 10.10 4.07 0.77
N ILE A 60 9.52 3.93 1.97
CA ILE A 60 8.39 3.04 2.23
C ILE A 60 7.29 3.82 2.95
N CYS A 61 6.06 3.74 2.43
CA CYS A 61 4.89 4.37 3.04
C CYS A 61 3.82 3.36 3.45
N GLY A 62 3.12 3.67 4.53
CA GLY A 62 1.93 2.97 4.94
C GLY A 62 0.67 3.59 4.40
N ASP A 63 -0.44 3.41 5.13
CA ASP A 63 -1.76 3.70 4.59
C ASP A 63 -1.90 5.15 4.12
N ILE A 64 -2.70 5.34 3.08
CA ILE A 64 -2.97 6.67 2.51
C ILE A 64 -4.45 7.00 2.60
N HIS A 65 -5.32 6.05 2.23
CA HIS A 65 -6.77 6.13 2.36
C HIS A 65 -7.33 7.42 1.78
N GLY A 66 -7.00 7.65 0.50
CA GLY A 66 -7.62 8.72 -0.28
C GLY A 66 -7.27 10.12 0.14
N GLN A 67 -6.28 10.30 1.01
CA GLN A 67 -5.82 11.62 1.43
C GLN A 67 -4.83 12.12 0.38
N TYR A 68 -5.36 12.52 -0.77
CA TYR A 68 -4.52 12.70 -1.94
C TYR A 68 -3.47 13.80 -1.73
N TYR A 69 -3.83 14.85 -0.99
CA TYR A 69 -2.84 15.91 -0.81
C TYR A 69 -1.79 15.53 0.21
N ASP A 70 -2.05 14.50 1.01
CA ASP A 70 -1.01 13.94 1.85
C ASP A 70 -0.08 13.01 1.06
N LEU A 71 -0.62 12.31 0.05
CA LEU A 71 0.26 11.62 -0.90
C LEU A 71 1.23 12.59 -1.56
N LEU A 72 0.72 13.73 -2.04
CA LEU A 72 1.59 14.74 -2.63
C LEU A 72 2.59 15.26 -1.61
N ARG A 73 2.13 15.43 -0.37
CA ARG A 73 3.03 15.86 0.70
C ARG A 73 4.14 14.83 0.94
N LEU A 74 3.82 13.53 0.89
CA LEU A 74 4.84 12.50 1.06
C LEU A 74 5.90 12.57 -0.03
N PHE A 75 5.49 12.83 -1.28
CA PHE A 75 6.46 12.92 -2.35
C PHE A 75 7.29 14.19 -2.22
N GLU A 76 6.73 15.26 -1.67
CA GLU A 76 7.51 16.47 -1.42
C GLU A 76 8.57 16.23 -0.35
N TYR A 77 8.28 15.42 0.68
CA TYR A 77 9.33 15.07 1.63
C TYR A 77 10.30 14.04 1.08
N GLY A 78 9.81 13.06 0.31
CA GLY A 78 10.66 11.95 -0.11
C GLY A 78 11.37 12.17 -1.42
N GLY A 79 10.87 13.09 -2.23
CA GLY A 79 11.41 13.23 -3.56
C GLY A 79 10.47 12.62 -4.57
N PHE A 80 10.03 13.41 -5.54
CA PHE A 80 9.12 12.87 -6.54
C PHE A 80 9.88 11.88 -7.41
N PRO A 81 9.26 10.78 -7.81
CA PRO A 81 9.90 9.87 -8.73
C PRO A 81 10.39 10.62 -9.96
N PRO A 82 11.58 10.28 -10.47
CA PRO A 82 12.39 9.12 -10.07
C PRO A 82 13.52 9.44 -9.08
N GLU A 83 13.37 10.56 -8.36
CA GLU A 83 14.38 10.99 -7.40
C GLU A 83 14.57 9.99 -6.27
N SER A 84 13.50 9.33 -5.82
CA SER A 84 13.59 8.25 -4.85
C SER A 84 12.84 7.04 -5.39
N ASN A 85 13.30 5.85 -5.00
CA ASN A 85 12.51 4.65 -5.21
C ASN A 85 11.47 4.51 -4.11
N TYR A 86 10.34 3.87 -4.43
CA TYR A 86 9.23 3.78 -3.48
C TYR A 86 8.68 2.37 -3.39
N LEU A 87 8.28 2.00 -2.17
CA LEU A 87 7.40 0.86 -1.95
C LEU A 87 6.22 1.33 -1.11
N PHE A 88 5.00 1.16 -1.63
CA PHE A 88 3.82 1.43 -0.81
C PHE A 88 3.25 0.13 -0.31
N LEU A 89 2.61 0.19 0.86
CA LEU A 89 2.20 -1.00 1.59
C LEU A 89 0.69 -1.25 1.59
N GLY A 90 -0.09 -0.56 0.76
CA GLY A 90 -1.50 -0.88 0.64
C GLY A 90 -2.39 0.19 1.24
N ASP A 91 -3.71 -0.05 1.14
CA ASP A 91 -4.72 0.84 1.68
C ASP A 91 -4.62 2.25 1.11
N TYR A 92 -4.80 2.33 -0.20
CA TYR A 92 -4.74 3.56 -0.99
C TYR A 92 -6.09 4.26 -1.07
N VAL A 93 -7.18 3.50 -0.95
CA VAL A 93 -8.52 4.02 -1.21
C VAL A 93 -9.37 3.82 0.05
N ASP A 94 -10.62 4.29 -0.02
CA ASP A 94 -11.59 4.30 1.08
C ASP A 94 -11.25 5.36 2.12
N ARG A 95 -12.26 5.77 2.90
CA ARG A 95 -12.19 6.70 4.02
C ARG A 95 -11.91 8.16 3.65
N GLY A 96 -10.85 8.44 2.90
CA GLY A 96 -10.70 9.76 2.34
C GLY A 96 -11.66 9.99 1.19
N LYS A 97 -11.64 11.21 0.65
CA LYS A 97 -12.53 11.51 -0.46
C LYS A 97 -11.82 11.81 -1.78
N GLN A 98 -10.50 11.61 -1.86
CA GLN A 98 -9.85 11.60 -3.18
C GLN A 98 -9.04 10.33 -3.43
N SER A 99 -9.68 9.18 -3.18
CA SER A 99 -9.09 7.90 -3.55
C SER A 99 -8.74 7.84 -5.04
N LEU A 100 -9.57 8.44 -5.90
CA LEU A 100 -9.32 8.34 -7.34
C LEU A 100 -7.97 8.96 -7.70
N GLU A 101 -7.73 10.19 -7.27
CA GLU A 101 -6.44 10.83 -7.55
C GLU A 101 -5.29 10.02 -6.96
N THR A 102 -5.49 9.54 -5.72
CA THR A 102 -4.45 8.78 -5.03
C THR A 102 -4.05 7.55 -5.83
N ILE A 103 -5.01 6.70 -6.18
CA ILE A 103 -4.63 5.45 -6.85
C ILE A 103 -4.15 5.74 -8.27
N CYS A 104 -4.66 6.79 -8.89
CA CYS A 104 -4.29 7.08 -10.27
C CYS A 104 -2.84 7.52 -10.36
N LEU A 105 -2.40 8.37 -9.41
CA LEU A 105 -0.99 8.78 -9.42
C LEU A 105 -0.08 7.59 -9.15
N LEU A 106 -0.49 6.70 -8.25
CA LEU A 106 0.35 5.52 -7.97
C LEU A 106 0.44 4.60 -9.19
N LEU A 107 -0.69 4.35 -9.85
CA LEU A 107 -0.66 3.53 -11.07
C LEU A 107 0.20 4.19 -12.14
N ALA A 108 0.06 5.51 -12.33
CA ALA A 108 0.86 6.23 -13.31
C ALA A 108 2.35 6.03 -13.05
N TYR A 109 2.76 6.20 -11.79
CA TYR A 109 4.16 6.04 -11.43
C TYR A 109 4.62 4.59 -11.60
N LYS A 110 3.73 3.64 -11.29
CA LYS A 110 4.05 2.24 -11.56
C LYS A 110 4.33 2.02 -13.03
N ILE A 111 3.54 2.66 -13.90
CA ILE A 111 3.72 2.48 -15.34
C ILE A 111 4.97 3.22 -15.82
N LYS A 112 5.19 4.42 -15.32
CA LYS A 112 6.31 5.23 -15.78
C LYS A 112 7.65 4.67 -15.31
N TYR A 113 7.73 4.20 -14.06
CA TYR A 113 8.98 3.73 -13.46
C TYR A 113 8.84 2.31 -12.90
N PRO A 114 8.57 1.31 -13.77
CA PRO A 114 8.14 -0.01 -13.26
C PRO A 114 9.22 -0.74 -12.47
N GLU A 115 10.49 -0.39 -12.65
CA GLU A 115 11.57 -1.02 -11.91
C GLU A 115 11.95 -0.24 -10.67
N ASN A 116 11.28 0.89 -10.39
CA ASN A 116 11.66 1.77 -9.29
C ASN A 116 10.48 2.25 -8.46
N PHE A 117 9.27 1.80 -8.77
CA PHE A 117 8.08 2.21 -8.05
C PHE A 117 7.22 0.98 -7.86
N PHE A 118 6.84 0.70 -6.61
CA PHE A 118 6.16 -0.54 -6.29
C PHE A 118 5.03 -0.27 -5.32
N ILE A 119 3.92 -0.96 -5.51
CA ILE A 119 2.80 -0.82 -4.61
C ILE A 119 2.28 -2.22 -4.27
N LEU A 120 2.04 -2.44 -2.98
CA LEU A 120 1.51 -3.69 -2.48
C LEU A 120 0.00 -3.58 -2.27
N ARG A 121 -0.64 -4.74 -2.25
CA ARG A 121 -2.06 -4.81 -1.94
C ARG A 121 -2.29 -4.65 -0.45
N GLY A 122 -3.30 -3.86 -0.09
CA GLY A 122 -3.83 -3.83 1.26
C GLY A 122 -5.23 -4.43 1.27
N ASN A 123 -5.81 -4.50 2.49
CA ASN A 123 -7.10 -5.16 2.58
C ASN A 123 -8.23 -4.31 2.01
N HIS A 124 -8.01 -3.01 1.79
CA HIS A 124 -8.99 -2.15 1.14
C HIS A 124 -8.88 -2.20 -0.36
N GLU A 125 -7.85 -2.86 -0.90
CA GLU A 125 -7.77 -3.14 -2.34
C GLU A 125 -8.49 -4.46 -2.66
N CYS A 126 -9.78 -4.45 -2.31
CA CYS A 126 -10.69 -5.52 -2.65
CA CYS A 126 -10.71 -5.54 -2.55
C CYS A 126 -12.09 -4.92 -2.78
N ALA A 127 -12.82 -5.43 -3.77
CA ALA A 127 -14.13 -4.88 -4.14
C ALA A 127 -15.12 -4.97 -2.98
N SER A 128 -15.02 -6.00 -2.16
CA SER A 128 -15.98 -6.18 -1.09
C SER A 128 -15.83 -5.10 -0.01
N ILE A 129 -14.60 -4.88 0.47
CA ILE A 129 -14.37 -3.88 1.52
C ILE A 129 -14.62 -2.48 0.98
N ASN A 130 -14.16 -2.19 -0.25
CA ASN A 130 -14.22 -0.79 -0.66
C ASN A 130 -15.60 -0.40 -1.14
N ARG A 131 -16.56 -1.30 -1.05
CA ARG A 131 -17.93 -0.93 -1.36
C ARG A 131 -18.69 -0.54 -0.13
N ILE A 132 -18.02 -0.58 1.02
CA ILE A 132 -18.56 -0.15 2.30
C ILE A 132 -17.79 1.01 2.89
N TYR A 133 -16.53 1.24 2.51
CA TYR A 133 -15.74 2.26 3.16
C TYR A 133 -15.41 3.45 2.27
N GLY A 134 -16.00 3.52 1.07
CA GLY A 134 -16.05 4.80 0.38
C GLY A 134 -15.68 4.81 -1.09
N PHE A 135 -14.73 3.96 -1.49
CA PHE A 135 -14.22 4.05 -2.84
C PHE A 135 -15.30 3.77 -3.88
N TYR A 136 -16.24 2.86 -3.57
CA TYR A 136 -17.39 2.63 -4.44
C TYR A 136 -18.21 3.89 -4.64
N ASP A 137 -18.60 4.54 -3.54
CA ASP A 137 -19.33 5.81 -3.65
C ASP A 137 -18.56 6.81 -4.50
N GLU A 138 -17.26 6.95 -4.26
CA GLU A 138 -16.50 7.96 -4.96
C GLU A 138 -16.43 7.70 -6.47
N CYS A 139 -16.22 6.45 -6.89
CA CYS A 139 -16.23 6.15 -8.33
C CYS A 139 -17.60 6.36 -8.94
N LYS A 140 -18.66 5.97 -8.23
CA LYS A 140 -20.00 6.14 -8.76
C LYS A 140 -20.33 7.62 -8.93
N ARG A 141 -20.05 8.42 -7.89
CA ARG A 141 -20.31 9.86 -7.95
C ARG A 141 -19.53 10.55 -9.07
N ARG A 142 -18.24 10.28 -9.19
CA ARG A 142 -17.41 10.98 -10.15
C ARG A 142 -17.37 10.30 -11.51
N TYR A 143 -17.70 9.02 -11.58
CA TYR A 143 -17.75 8.30 -12.85
C TYR A 143 -18.93 7.35 -12.83
N ASN A 144 -18.68 6.05 -12.90
CA ASN A 144 -19.78 5.10 -12.95
C ASN A 144 -19.29 3.76 -12.42
N ILE A 145 -20.25 2.89 -12.09
CA ILE A 145 -19.90 1.64 -11.41
C ILE A 145 -18.99 0.78 -12.27
N LYS A 146 -19.10 0.88 -13.60
CA LYS A 146 -18.27 0.02 -14.45
C LYS A 146 -16.79 0.40 -14.35
N LEU A 147 -16.48 1.67 -14.07
CA LEU A 147 -15.09 2.05 -13.87
C LEU A 147 -14.57 1.49 -12.54
N TRP A 148 -15.40 1.54 -11.50
CA TRP A 148 -15.02 0.96 -10.22
C TRP A 148 -14.65 -0.51 -10.37
N LYS A 149 -15.34 -1.23 -11.25
CA LYS A 149 -14.98 -2.64 -11.44
C LYS A 149 -13.66 -2.80 -12.19
N THR A 150 -13.33 -1.82 -13.06
CA THR A 150 -12.01 -1.83 -13.67
C THR A 150 -10.92 -1.73 -12.62
N PHE A 151 -11.14 -0.91 -11.59
CA PHE A 151 -10.17 -0.81 -10.50
C PHE A 151 -10.03 -2.15 -9.77
N THR A 152 -11.16 -2.79 -9.45
CA THR A 152 -11.05 -3.98 -8.61
C THR A 152 -10.42 -5.14 -9.37
N ASP A 153 -10.68 -5.27 -10.68
CA ASP A 153 -9.93 -6.25 -11.44
C ASP A 153 -8.43 -5.98 -11.37
N CYS A 154 -8.04 -4.71 -11.37
CA CYS A 154 -6.62 -4.37 -11.24
C CYS A 154 -6.12 -4.66 -9.83
N PHE A 155 -6.88 -4.21 -8.81
CA PHE A 155 -6.55 -4.54 -7.43
C PHE A 155 -6.30 -6.02 -7.23
N ASN A 156 -7.09 -6.88 -7.91
CA ASN A 156 -6.95 -8.32 -7.73
C ASN A 156 -5.63 -8.86 -8.26
N CYS A 157 -4.87 -8.05 -9.00
CA CYS A 157 -3.58 -8.47 -9.54
C CYS A 157 -2.39 -7.86 -8.79
N LEU A 158 -2.64 -7.16 -7.70
CA LEU A 158 -1.56 -6.47 -7.00
C LEU A 158 -0.65 -7.48 -6.32
N PRO A 159 0.66 -7.23 -6.28
CA PRO A 159 1.55 -8.08 -5.49
C PRO A 159 1.20 -7.93 -4.01
N ILE A 160 1.59 -8.92 -3.21
CA ILE A 160 1.09 -9.04 -1.85
C ILE A 160 2.18 -8.92 -0.79
N ALA A 161 3.45 -9.00 -1.16
CA ALA A 161 4.51 -8.85 -0.17
C ALA A 161 5.78 -8.48 -0.91
N ALA A 162 6.81 -8.08 -0.15
CA ALA A 162 8.09 -7.70 -0.74
C ALA A 162 9.22 -8.03 0.23
N ILE A 163 10.40 -8.32 -0.32
CA ILE A 163 11.59 -8.55 0.49
C ILE A 163 12.67 -7.57 0.02
N ILE A 164 13.20 -6.79 0.95
CA ILE A 164 14.22 -5.81 0.61
C ILE A 164 15.58 -6.40 0.95
N ASP A 165 16.37 -6.66 -0.09
CA ASP A 165 17.73 -7.20 0.04
C ASP A 165 17.76 -8.37 1.02
N GLU A 166 16.85 -9.31 0.81
CA GLU A 166 16.70 -10.54 1.59
C GLU A 166 16.57 -10.36 3.09
N LYS A 167 16.45 -9.13 3.57
CA LYS A 167 16.47 -8.91 5.02
C LYS A 167 15.24 -8.22 5.60
N ILE A 168 14.48 -7.46 4.81
CA ILE A 168 13.29 -6.76 5.30
C ILE A 168 12.09 -7.32 4.57
N PHE A 169 11.17 -7.94 5.31
CA PHE A 169 9.98 -8.56 4.76
C PHE A 169 8.81 -7.59 4.98
N CYS A 170 8.10 -7.26 3.89
CA CYS A 170 7.15 -6.17 3.86
C CYS A 170 5.78 -6.68 3.43
N MET A 171 4.72 -6.27 4.15
CA MET A 171 3.36 -6.63 3.77
C MET A 171 2.40 -5.69 4.48
N HIS A 172 1.17 -5.61 3.98
CA HIS A 172 0.23 -4.66 4.57
C HIS A 172 -0.08 -5.01 6.02
N GLY A 173 -0.52 -6.24 6.27
CA GLY A 173 -1.02 -6.65 7.58
C GLY A 173 0.01 -7.28 8.50
N GLY A 174 0.40 -8.52 8.23
CA GLY A 174 1.34 -9.17 9.13
C GLY A 174 1.66 -10.60 8.74
N LEU A 175 2.00 -11.42 9.72
CA LEU A 175 2.36 -12.81 9.48
C LEU A 175 1.10 -13.67 9.37
N SER A 176 1.29 -14.94 9.01
CA SER A 176 0.15 -15.85 8.90
C SER A 176 0.57 -17.15 9.56
N PRO A 177 -0.34 -17.84 10.27
CA PRO A 177 -0.02 -19.20 10.74
C PRO A 177 0.16 -20.21 9.61
N ASP A 178 -0.31 -19.90 8.41
CA ASP A 178 -0.21 -20.81 7.28
C ASP A 178 0.99 -20.54 6.39
N LEU A 179 1.84 -19.56 6.71
CA LEU A 179 3.03 -19.17 5.92
C LEU A 179 4.14 -20.18 6.05
N ASN A 180 3.94 -21.34 5.45
CA ASN A 180 4.93 -22.42 5.56
C ASN A 180 6.30 -22.02 5.04
N SER A 181 6.36 -21.40 3.86
CA SER A 181 7.61 -20.95 3.25
C SER A 181 7.31 -19.85 2.22
N MET A 182 8.33 -19.02 1.95
CA MET A 182 8.18 -17.93 1.00
C MET A 182 7.62 -18.40 -0.34
N GLU A 183 7.97 -19.62 -0.76
CA GLU A 183 7.46 -20.22 -2.00
C GLU A 183 5.94 -20.25 -2.00
N GLN A 184 5.35 -20.43 -0.84
CA GLN A 184 3.90 -20.44 -0.74
C GLN A 184 3.30 -19.10 -1.13
N ILE A 185 4.01 -18.01 -0.84
CA ILE A 185 3.58 -16.70 -1.30
C ILE A 185 3.72 -16.58 -2.81
N ARG A 186 4.84 -17.08 -3.35
CA ARG A 186 5.04 -17.02 -4.79
C ARG A 186 3.97 -17.79 -5.55
N ARG A 187 3.40 -18.82 -4.93
CA ARG A 187 2.42 -19.64 -5.63
C ARG A 187 0.99 -19.11 -5.53
N VAL A 188 0.76 -18.00 -4.79
CA VAL A 188 -0.57 -17.42 -4.73
C VAL A 188 -0.99 -16.96 -6.11
N MET A 189 -2.16 -17.41 -6.54
CA MET A 189 -2.57 -17.27 -7.94
C MET A 189 -3.36 -15.98 -8.14
N ARG A 190 -3.04 -15.24 -9.20
CA ARG A 190 -3.71 -13.99 -9.51
C ARG A 190 -4.42 -14.09 -10.84
N PRO A 191 -5.50 -13.33 -11.06
CA PRO A 191 -6.13 -12.49 -10.02
C PRO A 191 -6.91 -13.31 -8.98
N THR A 192 -7.07 -12.74 -7.78
CA THR A 192 -7.97 -13.33 -6.80
C THR A 192 -8.55 -12.21 -5.95
N ASP A 193 -9.77 -12.43 -5.47
CA ASP A 193 -10.25 -11.63 -4.36
C ASP A 193 -9.51 -12.04 -3.09
N ILE A 194 -9.58 -11.19 -2.07
CA ILE A 194 -8.98 -11.54 -0.78
C ILE A 194 -9.93 -12.50 -0.09
N PRO A 195 -9.51 -13.74 0.21
CA PRO A 195 -10.41 -14.68 0.90
C PRO A 195 -10.66 -14.25 2.33
N ASP A 196 -11.64 -14.90 2.97
CA ASP A 196 -11.94 -14.68 4.38
C ASP A 196 -11.05 -15.50 5.30
N VAL A 197 -10.32 -16.48 4.76
CA VAL A 197 -9.42 -17.34 5.53
C VAL A 197 -8.17 -17.57 4.70
N GLY A 198 -7.08 -17.85 5.39
CA GLY A 198 -5.90 -18.41 4.74
C GLY A 198 -4.75 -17.44 4.66
N LEU A 199 -3.72 -17.87 3.94
CA LEU A 199 -2.44 -17.16 3.87
C LEU A 199 -2.62 -15.74 3.36
N LEU A 200 -3.29 -15.58 2.20
CA LEU A 200 -3.46 -14.25 1.62
C LEU A 200 -4.24 -13.34 2.55
N CYS A 201 -5.30 -13.86 3.15
CA CYS A 201 -6.09 -13.06 4.09
C CYS A 201 -5.24 -12.53 5.24
N ASP A 202 -4.49 -13.43 5.90
CA ASP A 202 -3.68 -13.02 7.04
C ASP A 202 -2.62 -12.00 6.66
N LEU A 203 -1.97 -12.18 5.50
CA LEU A 203 -0.96 -11.22 5.09
C LEU A 203 -1.52 -9.81 5.00
N LEU A 204 -2.79 -9.66 4.66
CA LEU A 204 -3.38 -8.34 4.48
C LEU A 204 -4.21 -7.87 5.66
N TRP A 205 -4.47 -8.74 6.65
CA TRP A 205 -5.38 -8.43 7.76
C TRP A 205 -4.81 -8.59 9.17
N SER A 206 -3.79 -9.42 9.40
CA SER A 206 -3.39 -9.71 10.78
C SER A 206 -2.71 -8.52 11.43
N ASP A 207 -2.65 -8.54 12.76
CA ASP A 207 -2.07 -7.46 13.56
C ASP A 207 -1.14 -8.02 14.62
N PRO A 208 -0.05 -7.34 14.94
CA PRO A 208 0.72 -7.71 16.14
C PRO A 208 0.01 -7.25 17.40
N ASP A 209 0.30 -7.95 18.49
CA ASP A 209 -0.27 -7.66 19.81
C ASP A 209 0.78 -7.94 20.87
N LYS A 210 1.26 -6.87 21.52
CA LYS A 210 2.29 -6.93 22.58
C LYS A 210 1.92 -7.82 23.74
N ASP A 211 0.63 -8.07 23.98
CA ASP A 211 0.16 -8.71 25.21
C ASP A 211 -0.30 -10.14 24.95
N ILE A 212 0.29 -10.79 23.96
CA ILE A 212 -0.16 -12.12 23.58
C ILE A 212 1.09 -12.97 23.38
N VAL A 213 0.91 -14.28 23.47
CA VAL A 213 1.93 -15.25 23.13
C VAL A 213 1.32 -16.13 22.06
N GLY A 214 1.96 -16.18 20.90
CA GLY A 214 1.44 -16.99 19.82
C GLY A 214 0.34 -16.28 19.05
N TRP A 215 -0.61 -17.06 18.58
CA TRP A 215 -1.69 -16.57 17.73
C TRP A 215 -2.99 -16.53 18.52
N SER A 216 -3.72 -15.44 18.39
CA SER A 216 -5.03 -15.33 19.00
C SER A 216 -6.00 -14.71 17.99
N GLU A 217 -7.27 -14.66 18.35
CA GLU A 217 -8.25 -14.14 17.42
C GLU A 217 -8.12 -12.62 17.29
N ASN A 218 -8.52 -12.10 16.14
CA ASN A 218 -8.40 -10.68 15.83
C ASN A 218 -9.75 -10.01 16.01
N ASP A 219 -9.80 -8.92 16.78
CA ASP A 219 -11.05 -8.21 16.99
C ASP A 219 -11.63 -7.62 15.71
N ARG A 220 -10.87 -7.59 14.61
CA ARG A 220 -11.46 -7.15 13.36
C ARG A 220 -12.49 -8.14 12.83
N GLY A 221 -12.57 -9.34 13.40
CA GLY A 221 -13.49 -10.35 12.91
C GLY A 221 -12.95 -11.21 11.81
N VAL A 222 -11.68 -11.04 11.47
CA VAL A 222 -11.04 -11.77 10.38
C VAL A 222 -9.58 -11.90 10.77
N SER A 223 -8.97 -13.03 10.39
CA SER A 223 -7.53 -13.26 10.61
C SER A 223 -7.24 -13.30 12.11
N PHE A 224 -6.03 -12.90 12.51
CA PHE A 224 -5.51 -13.17 13.85
C PHE A 224 -4.61 -12.03 14.31
N THR A 225 -4.26 -12.06 15.59
CA THR A 225 -3.19 -11.28 16.16
C THR A 225 -2.04 -12.23 16.47
N PHE A 226 -0.82 -11.71 16.47
CA PHE A 226 0.35 -12.51 16.80
C PHE A 226 1.19 -11.75 17.81
N GLY A 227 1.89 -12.49 18.67
CA GLY A 227 2.69 -11.87 19.71
C GLY A 227 4.13 -11.69 19.30
N PRO A 228 4.92 -11.08 20.19
CA PRO A 228 6.33 -10.85 19.88
C PRO A 228 7.10 -12.13 19.61
N ASP A 229 6.69 -13.24 20.23
CA ASP A 229 7.39 -14.50 20.02
C ASP A 229 7.26 -14.95 18.57
N VAL A 230 6.11 -14.68 17.95
CA VAL A 230 5.88 -15.11 16.58
C VAL A 230 6.83 -14.38 15.63
N VAL A 231 7.04 -13.09 15.86
CA VAL A 231 7.97 -12.32 15.03
C VAL A 231 9.38 -12.81 15.23
N ASN A 232 9.79 -12.98 16.49
CA ASN A 232 11.12 -13.49 16.80
C ASN A 232 11.40 -14.79 16.04
N ARG A 233 10.53 -15.78 16.19
CA ARG A 233 10.76 -17.07 15.55
C ARG A 233 10.84 -16.95 14.04
N PHE A 234 9.97 -16.12 13.43
CA PHE A 234 9.93 -16.02 11.98
C PHE A 234 11.23 -15.44 11.42
N LEU A 235 11.79 -14.43 12.09
CA LEU A 235 13.02 -13.84 11.60
C LEU A 235 14.20 -14.79 11.77
N GLN A 236 14.23 -15.57 12.86
CA GLN A 236 15.25 -16.61 13.00
C GLN A 236 15.08 -17.66 11.90
N LYS A 237 13.88 -18.23 11.79
CA LYS A 237 13.63 -19.26 10.78
C LYS A 237 13.95 -18.78 9.35
N GLN A 238 13.68 -17.50 9.03
CA GLN A 238 13.84 -17.01 7.67
C GLN A 238 15.14 -16.25 7.45
N ASP A 239 15.90 -15.98 8.53
CA ASP A 239 17.16 -15.24 8.45
C ASP A 239 16.94 -13.87 7.81
N MET A 240 16.18 -13.06 8.54
CA MET A 240 15.88 -11.69 8.14
C MET A 240 15.94 -10.81 9.36
N GLU A 241 15.98 -9.51 9.13
CA GLU A 241 16.22 -8.58 10.23
C GLU A 241 15.00 -7.78 10.63
N LEU A 242 14.01 -7.60 9.75
CA LEU A 242 12.91 -6.70 10.04
C LEU A 242 11.65 -7.09 9.26
N ILE A 243 10.51 -6.97 9.92
CA ILE A 243 9.21 -6.97 9.25
C ILE A 243 8.71 -5.53 9.22
N CYS A 244 8.30 -5.07 8.04
CA CYS A 244 7.78 -3.72 7.90
C CYS A 244 6.34 -3.84 7.39
N ARG A 245 5.40 -3.32 8.16
CA ARG A 245 3.98 -3.55 7.93
C ARG A 245 3.25 -2.21 8.08
N ALA A 246 1.92 -2.21 7.86
CA ALA A 246 1.16 -0.97 8.04
C ALA A 246 -0.16 -1.26 8.75
N HIS A 247 -1.30 -0.87 8.17
CA HIS A 247 -2.60 -1.45 8.52
C HIS A 247 -3.17 -0.89 9.84
N GLN A 248 -2.35 -0.27 10.69
CA GLN A 248 -2.82 0.24 11.96
C GLN A 248 -2.36 1.68 12.20
N VAL A 249 -3.29 2.52 12.67
CA VAL A 249 -2.94 3.88 13.02
C VAL A 249 -2.00 3.86 14.22
N VAL A 250 -0.94 4.64 14.15
CA VAL A 250 0.03 4.78 15.24
C VAL A 250 0.33 6.26 15.39
N GLU A 251 0.42 6.70 16.64
CA GLU A 251 0.38 8.13 16.96
C GLU A 251 1.53 8.88 16.30
N ASP A 252 2.73 8.29 16.31
CA ASP A 252 3.91 8.98 15.82
C ASP A 252 4.26 8.66 14.36
N GLY A 253 3.35 8.04 13.61
CA GLY A 253 3.61 7.69 12.25
C GLY A 253 4.36 6.38 12.09
N TYR A 254 5.17 5.99 13.06
CA TYR A 254 5.79 4.67 13.04
C TYR A 254 5.89 4.16 14.48
N GLU A 255 6.12 2.85 14.61
CA GLU A 255 6.12 2.24 15.94
C GLU A 255 6.68 0.82 15.89
N PHE A 256 7.75 0.56 16.64
CA PHE A 256 8.36 -0.76 16.61
C PHE A 256 7.65 -1.73 17.55
N PHE A 257 7.98 -3.01 17.38
CA PHE A 257 7.33 -4.13 18.05
C PHE A 257 8.36 -5.24 18.16
N SER A 258 8.30 -5.99 19.27
CA SER A 258 9.22 -7.10 19.54
C SER A 258 10.68 -6.65 19.39
N LYS A 259 11.05 -5.68 20.23
CA LYS A 259 12.42 -5.18 20.28
C LYS A 259 12.92 -4.76 18.91
N ARG A 260 12.15 -3.87 18.26
CA ARG A 260 12.47 -3.32 16.93
C ARG A 260 12.58 -4.39 15.83
N GLN A 261 12.04 -5.59 16.05
CA GLN A 261 12.03 -6.61 15.02
C GLN A 261 10.93 -6.37 13.98
N LEU A 262 9.89 -5.61 14.34
CA LEU A 262 8.80 -5.26 13.43
C LEU A 262 8.47 -3.77 13.59
N VAL A 263 8.16 -3.10 12.47
CA VAL A 263 7.73 -1.71 12.51
C VAL A 263 6.40 -1.56 11.78
N THR A 264 5.48 -0.81 12.41
CA THR A 264 4.23 -0.39 11.76
C THR A 264 4.42 1.02 11.23
N LEU A 265 4.13 1.20 9.93
CA LEU A 265 4.18 2.49 9.27
C LEU A 265 2.78 2.95 8.91
N PHE A 266 2.48 4.20 9.19
CA PHE A 266 1.20 4.77 8.80
C PHE A 266 1.49 6.15 8.22
N SER A 267 0.97 6.41 7.02
CA SER A 267 1.42 7.58 6.27
C SER A 267 0.34 8.62 6.04
N ALA A 268 -0.83 8.46 6.62
CA ALA A 268 -1.90 9.44 6.49
C ALA A 268 -2.03 10.25 7.78
N PRO A 269 -1.51 11.49 7.84
CA PRO A 269 -1.65 12.29 9.07
C PRO A 269 -3.11 12.63 9.34
N ASN A 270 -3.41 12.86 10.61
CA ASN A 270 -4.75 13.22 11.09
C ASN A 270 -5.79 12.34 10.39
N TYR A 271 -5.63 11.05 10.61
CA TYR A 271 -6.43 10.05 9.89
C TYR A 271 -7.91 10.27 10.15
N CYS A 272 -8.68 10.39 9.06
CA CYS A 272 -10.14 10.53 9.07
C CYS A 272 -10.63 11.85 9.67
N GLY A 273 -9.73 12.79 9.94
CA GLY A 273 -10.06 13.97 10.74
C GLY A 273 -10.23 13.70 12.22
N GLU A 274 -10.10 12.45 12.65
CA GLU A 274 -10.30 12.09 14.05
C GLU A 274 -8.98 11.91 14.78
N PHE A 275 -8.27 10.81 14.51
CA PHE A 275 -6.98 10.55 15.15
C PHE A 275 -6.03 11.71 14.90
N ASP A 276 -5.23 12.06 15.90
CA ASP A 276 -4.34 13.21 15.78
C ASP A 276 -2.92 12.81 15.41
N ASN A 277 -2.77 11.80 14.56
CA ASN A 277 -1.49 11.15 14.36
C ASN A 277 -0.61 11.87 13.36
N ALA A 278 0.69 11.63 13.47
CA ALA A 278 1.58 11.98 12.37
C ALA A 278 1.51 10.89 11.30
N GLY A 279 2.02 11.22 10.11
CA GLY A 279 2.41 10.22 9.14
C GLY A 279 3.92 10.06 9.17
N ALA A 280 4.39 8.87 8.83
CA ALA A 280 5.82 8.63 8.69
C ALA A 280 6.09 7.97 7.35
N MET A 281 7.30 8.19 6.85
CA MET A 281 7.82 7.50 5.68
C MET A 281 9.18 6.94 6.06
N MET A 282 9.41 5.66 5.81
CA MET A 282 10.65 5.02 6.26
C MET A 282 11.66 4.99 5.12
N SER A 283 12.87 5.47 5.41
CA SER A 283 13.94 5.48 4.43
C SER A 283 14.91 4.36 4.76
N VAL A 284 15.14 3.46 3.80
CA VAL A 284 16.08 2.35 3.96
C VAL A 284 17.30 2.64 3.11
N ASP A 285 18.49 2.63 3.71
CA ASP A 285 19.72 2.90 2.95
C ASP A 285 20.41 1.58 2.62
N GLU A 286 21.52 1.67 1.85
CA GLU A 286 22.15 0.43 1.37
C GLU A 286 22.66 -0.43 2.51
N SER A 287 22.90 0.15 3.69
CA SER A 287 23.26 -0.64 4.87
C SER A 287 22.03 -1.26 5.53
N LEU A 288 20.84 -1.08 4.94
CA LEU A 288 19.58 -1.59 5.48
C LEU A 288 19.31 -1.01 6.85
N LEU A 289 19.83 0.20 7.10
CA LEU A 289 19.44 0.99 8.24
C LEU A 289 18.23 1.84 7.87
N CYS A 290 17.34 2.00 8.83
CA CYS A 290 16.06 2.64 8.62
C CYS A 290 16.04 3.97 9.35
N SER A 291 15.64 5.02 8.64
CA SER A 291 15.34 6.31 9.26
C SER A 291 13.93 6.76 8.83
N PHE A 292 13.36 7.70 9.57
CA PHE A 292 11.97 8.08 9.38
C PHE A 292 11.83 9.58 9.17
N GLN A 293 11.15 9.95 8.08
CA GLN A 293 10.70 11.32 7.86
C GLN A 293 9.28 11.46 8.36
N ILE A 294 9.06 12.46 9.20
CA ILE A 294 7.82 12.63 9.95
C ILE A 294 7.04 13.76 9.31
N LEU A 295 5.75 13.50 9.07
CA LEU A 295 4.80 14.45 8.52
C LEU A 295 3.79 14.68 9.62
N LYS A 296 3.91 15.79 10.30
CA LYS A 296 2.96 16.08 11.35
C LYS A 296 1.68 16.63 10.74
N PRO A 297 0.54 16.41 11.40
CA PRO A 297 -0.73 16.84 10.82
C PRO A 297 -0.79 18.35 10.71
N ALA A 298 -1.20 18.82 9.52
CA ALA A 298 -1.75 20.16 9.40
C ALA A 298 -3.19 20.09 9.91
#